data_7RY8
#
_entry.id   7RY8
#
_cell.length_a   77.790
_cell.length_b   66.863
_cell.length_c   80.878
_cell.angle_alpha   90.000
_cell.angle_beta   98.509
_cell.angle_gamma   90.000
#
_symmetry.space_group_name_H-M   'P 1 21 1'
#
loop_
_entity.id
_entity.type
_entity.pdbx_description
1 polymer 'Lanosterol 14-alpha demethylase'
2 non-polymer 'PROTOPORPHYRIN IX CONTAINING FE'
3 non-polymer Voriconazole
4 non-polymer beta-D-glucopyranose
5 non-polymer 'PENTAETHYLENE GLYCOL'
6 water water
#
_entity_poly.entity_id   1
_entity_poly.type   'polypeptide(L)'
_entity_poly.pdbx_seq_one_letter_code
;MSATKSIVGEALEYVNIGLSHFLALPLAQRISLIIIIPFIYNIVWQLLYSLRKDRPPLVFYWIPWVGSAVVYGMKPYEFF
EECQKKYGDIFSFVLLGRVMTVYLGPKGHEFVFNAKLADVSAEAAYAHLTTPVFGKGVIHDCPNSRLMEQKKFVKGALTK
EAFKSYVPLIAEEVYKYFRDSKNFRLNERTTGTIDVMVTQPEMTIFTASRSLLGKEMRAKLDTDFAYLYSDLDKGFTPIN
FVFPNLPLEHYRKRDHAQKAISGTYMSLIKERRKNNDIQDRDLIDSLMKNSTYKDGVKMTDQEIANLLIGVLMGGQHTSA
ATSAWILLHLAERPDVQQELYEEQMRVLDGGKKELTYDLLQEMPLLNQTIKETLRMHHPLHSLFRKVMKDMHVPNTSYVI
PAGYHVLVSPGYTHLRDEYFPNAHQFNIHRWNNDSASSYSVGEEVDYGFGAISKGVSSPYLPFGGGRHRCIGEHFAYCQL
GVLMSIFIRTLKWHYPEGKTVPPPDFTSMVTLPTGPAKIIWEKRNPEQKIGGRHHHHHH
;
_entity_poly.pdbx_strand_id   A
#
# COMPACT_ATOMS: atom_id res chain seq x y z
N ILE A 7 -12.56 65.95 2.32
CA ILE A 7 -12.03 65.16 3.42
C ILE A 7 -12.66 63.77 3.44
N VAL A 8 -11.82 62.74 3.46
CA VAL A 8 -12.25 61.36 3.63
C VAL A 8 -11.63 60.73 4.88
N GLY A 9 -10.87 61.48 5.67
CA GLY A 9 -10.52 61.02 7.00
C GLY A 9 -11.72 60.72 7.86
N GLU A 10 -12.87 61.31 7.52
CA GLU A 10 -14.11 60.95 8.19
C GLU A 10 -14.49 59.49 7.93
N ALA A 11 -14.10 58.95 6.78
CA ALA A 11 -14.35 57.54 6.50
C ALA A 11 -13.51 56.64 7.41
N LEU A 12 -12.27 57.04 7.69
CA LEU A 12 -11.43 56.31 8.61
C LEU A 12 -11.98 56.35 10.04
N GLU A 13 -12.63 57.45 10.42
CA GLU A 13 -13.31 57.49 11.70
C GLU A 13 -14.44 56.46 11.75
N TYR A 14 -15.20 56.35 10.65
CA TYR A 14 -16.32 55.42 10.70
C TYR A 14 -15.86 53.98 10.63
N VAL A 15 -14.69 53.73 10.05
CA VAL A 15 -14.10 52.39 10.12
C VAL A 15 -13.86 52.00 11.57
N ASN A 16 -13.22 52.89 12.33
CA ASN A 16 -13.01 52.64 13.75
C ASN A 16 -14.33 52.45 14.48
N ILE A 17 -15.30 53.34 14.20
CA ILE A 17 -16.63 53.23 14.81
C ILE A 17 -17.26 51.88 14.46
N GLY A 18 -17.13 51.46 13.20
CA GLY A 18 -17.73 50.19 12.80
C GLY A 18 -17.06 48.99 13.42
N LEU A 19 -15.73 49.04 13.56
CA LEU A 19 -15.03 48.00 14.29
C LEU A 19 -15.51 47.92 15.74
N SER A 20 -15.80 49.07 16.35
CA SER A 20 -16.28 49.08 17.73
C SER A 20 -17.69 48.52 17.81
N HIS A 21 -18.53 48.77 16.79
CA HIS A 21 -19.87 48.19 16.80
C HIS A 21 -19.86 46.72 16.45
N PHE A 22 -18.92 46.29 15.60
CA PHE A 22 -18.72 44.87 15.36
C PHE A 22 -18.47 44.12 16.66
N LEU A 23 -17.56 44.65 17.50
CA LEU A 23 -17.22 43.96 18.73
C LEU A 23 -18.38 43.92 19.72
N ALA A 24 -19.35 44.84 19.60
CA ALA A 24 -20.53 44.87 20.44
C ALA A 24 -21.66 43.95 19.97
N LEU A 25 -21.49 43.23 18.86
CA LEU A 25 -22.60 42.40 18.38
C LEU A 25 -22.92 41.33 19.42
N PRO A 26 -24.19 40.98 19.61
CA PRO A 26 -24.54 39.90 20.52
C PRO A 26 -23.90 38.59 20.08
N LEU A 27 -23.69 37.69 21.05
CA LEU A 27 -22.92 36.47 20.82
C LEU A 27 -23.51 35.61 19.70
N ALA A 28 -24.83 35.66 19.51
CA ALA A 28 -25.43 34.85 18.45
C ALA A 28 -25.04 35.34 17.07
N GLN A 29 -24.78 36.64 16.93
CA GLN A 29 -24.37 37.20 15.64
C GLN A 29 -22.85 37.13 15.45
N ARG A 30 -22.08 37.30 16.52
CA ARG A 30 -20.64 37.13 16.41
C ARG A 30 -20.27 35.69 16.05
N ILE A 31 -20.98 34.71 16.63
CA ILE A 31 -20.80 33.33 16.21
C ILE A 31 -21.32 33.13 14.79
N SER A 32 -22.51 33.67 14.49
CA SER A 32 -23.04 33.59 13.15
C SER A 32 -22.06 34.15 12.13
N LEU A 33 -21.46 35.31 12.43
CA LEU A 33 -20.45 35.87 11.53
C LEU A 33 -19.17 35.04 11.53
N ILE A 34 -18.91 34.30 12.61
CA ILE A 34 -17.70 33.50 12.69
C ILE A 34 -17.72 32.36 11.67
N ILE A 35 -18.90 31.97 11.17
CA ILE A 35 -18.98 30.94 10.15
C ILE A 35 -19.37 31.57 8.82
N ILE A 36 -20.06 32.69 8.85
CA ILE A 36 -20.48 33.34 7.62
C ILE A 36 -19.30 33.99 6.91
N ILE A 37 -18.39 34.59 7.68
CA ILE A 37 -17.27 35.32 7.09
C ILE A 37 -16.29 34.37 6.38
N PRO A 38 -15.81 33.29 7.01
CA PRO A 38 -14.89 32.41 6.29
C PRO A 38 -15.54 31.70 5.11
N PHE A 39 -16.79 31.24 5.27
CA PHE A 39 -17.51 30.62 4.17
C PHE A 39 -17.60 31.56 2.97
N ILE A 40 -17.90 32.84 3.21
CA ILE A 40 -18.03 33.79 2.12
C ILE A 40 -16.67 34.07 1.50
N TYR A 41 -15.66 34.31 2.33
CA TYR A 41 -14.34 34.62 1.81
C TYR A 41 -13.73 33.44 1.08
N ASN A 42 -14.05 32.21 1.51
CA ASN A 42 -13.54 31.03 0.83
C ASN A 42 -14.06 30.95 -0.60
N ILE A 43 -15.35 31.21 -0.79
CA ILE A 43 -15.93 31.22 -2.13
C ILE A 43 -15.38 32.37 -2.96
N VAL A 44 -15.23 33.55 -2.34
CA VAL A 44 -14.61 34.67 -3.03
C VAL A 44 -13.22 34.31 -3.52
N TRP A 45 -12.43 33.65 -2.67
CA TRP A 45 -11.05 33.33 -3.02
C TRP A 45 -10.98 32.34 -4.17
N GLN A 46 -11.88 31.34 -4.20
CA GLN A 46 -11.87 30.39 -5.30
C GLN A 46 -12.15 31.07 -6.64
N LEU A 47 -13.12 31.99 -6.66
CA LEU A 47 -13.44 32.71 -7.89
C LEU A 47 -12.22 33.47 -8.41
N LEU A 48 -11.53 34.20 -7.53
CA LEU A 48 -10.33 34.91 -7.93
C LEU A 48 -9.23 33.94 -8.38
N TYR A 49 -9.12 32.80 -7.70
CA TYR A 49 -8.13 31.80 -8.07
C TYR A 49 -8.36 31.28 -9.49
N SER A 50 -9.63 31.10 -9.87
CA SER A 50 -9.98 30.55 -11.18
C SER A 50 -9.48 31.42 -12.33
N LEU A 51 -9.14 32.68 -12.06
CA LEU A 51 -8.63 33.56 -13.11
C LEU A 51 -7.15 33.35 -13.40
N ARG A 52 -6.41 32.76 -12.46
CA ARG A 52 -4.97 32.58 -12.64
C ARG A 52 -4.70 31.61 -13.78
N LYS A 53 -3.95 32.07 -14.78
CA LYS A 53 -3.60 31.21 -15.90
C LYS A 53 -2.41 30.30 -15.61
N ASP A 54 -1.67 30.53 -14.52
CA ASP A 54 -0.51 29.72 -14.20
C ASP A 54 -0.79 28.70 -13.10
N ARG A 55 -2.06 28.37 -12.86
CA ARG A 55 -2.45 27.36 -11.89
C ARG A 55 -3.43 26.40 -12.55
N PRO A 56 -3.33 25.10 -12.26
CA PRO A 56 -4.31 24.16 -12.77
C PRO A 56 -5.69 24.51 -12.23
N PRO A 57 -6.75 24.07 -12.91
CA PRO A 57 -8.10 24.27 -12.36
C PRO A 57 -8.24 23.65 -10.98
N LEU A 58 -8.99 24.33 -10.11
CA LEU A 58 -9.23 23.88 -8.75
C LEU A 58 -10.67 23.45 -8.62
N VAL A 59 -10.88 22.21 -8.17
CA VAL A 59 -12.23 21.70 -7.98
C VAL A 59 -12.96 22.54 -6.93
N PHE A 60 -14.17 22.98 -7.28
CA PHE A 60 -14.92 23.85 -6.38
C PHE A 60 -15.43 23.08 -5.18
N TYR A 61 -15.45 23.75 -4.02
CA TYR A 61 -15.90 23.11 -2.78
C TYR A 61 -16.57 24.15 -1.89
N TRP A 62 -17.48 23.67 -1.03
CA TRP A 62 -18.28 24.53 -0.17
C TRP A 62 -17.67 24.75 1.20
N ILE A 63 -17.24 23.68 1.86
CA ILE A 63 -16.83 23.71 3.27
C ILE A 63 -15.35 24.06 3.33
N PRO A 64 -14.97 25.20 3.92
CA PRO A 64 -13.54 25.54 4.00
C PRO A 64 -12.76 24.52 4.82
N TRP A 65 -11.47 24.43 4.50
CA TRP A 65 -10.53 23.46 5.08
C TRP A 65 -10.82 22.02 4.63
N VAL A 66 -12.07 21.57 4.74
CA VAL A 66 -12.39 20.18 4.46
C VAL A 66 -12.20 19.87 2.97
N GLY A 67 -12.66 20.77 2.10
CA GLY A 67 -12.50 20.60 0.67
C GLY A 67 -13.30 19.42 0.12
N SER A 68 -12.68 18.71 -0.83
CA SER A 68 -13.31 17.55 -1.44
C SER A 68 -12.99 16.27 -0.67
N ALA A 69 -12.72 16.39 0.62
CA ALA A 69 -12.25 15.25 1.41
C ALA A 69 -13.25 14.10 1.41
N VAL A 70 -14.54 14.41 1.41
CA VAL A 70 -15.53 13.34 1.53
C VAL A 70 -15.61 12.53 0.26
N VAL A 71 -15.78 13.18 -0.89
CA VAL A 71 -15.92 12.41 -2.13
C VAL A 71 -14.60 11.74 -2.49
N TYR A 72 -13.49 12.42 -2.25
CA TYR A 72 -12.20 11.80 -2.51
C TYR A 72 -11.97 10.61 -1.58
N GLY A 73 -12.30 10.76 -0.30
CA GLY A 73 -12.08 9.69 0.65
C GLY A 73 -12.88 8.43 0.36
N MET A 74 -14.09 8.58 -0.18
CA MET A 74 -14.98 7.44 -0.36
C MET A 74 -14.94 6.85 -1.75
N LYS A 75 -14.80 7.66 -2.79
CA LYS A 75 -14.83 7.17 -4.18
C LYS A 75 -13.80 7.93 -5.00
N PRO A 76 -12.51 7.70 -4.74
CA PRO A 76 -11.47 8.53 -5.39
C PRO A 76 -11.42 8.39 -6.90
N TYR A 77 -11.58 7.17 -7.43
CA TYR A 77 -11.50 7.00 -8.88
C TYR A 77 -12.71 7.61 -9.58
N GLU A 78 -13.89 7.57 -8.95
CA GLU A 78 -15.04 8.26 -9.51
C GLU A 78 -14.84 9.76 -9.45
N PHE A 79 -14.20 10.25 -8.39
CA PHE A 79 -13.84 11.66 -8.28
C PHE A 79 -12.88 12.07 -9.40
N PHE A 80 -11.84 11.27 -9.64
CA PHE A 80 -10.87 11.60 -10.69
C PHE A 80 -11.53 11.57 -12.07
N GLU A 81 -12.38 10.58 -12.33
CA GLU A 81 -13.00 10.49 -13.65
C GLU A 81 -13.86 11.70 -13.95
N GLU A 82 -14.59 12.20 -12.95
CA GLU A 82 -15.43 13.36 -13.19
C GLU A 82 -14.58 14.62 -13.37
N CYS A 83 -13.60 14.81 -12.49
CA CYS A 83 -12.69 15.94 -12.67
C CYS A 83 -11.98 15.88 -14.01
N GLN A 84 -11.56 14.68 -14.44
CA GLN A 84 -10.85 14.55 -15.70
C GLN A 84 -11.72 14.98 -16.88
N LYS A 85 -13.03 14.74 -16.81
CA LYS A 85 -13.92 15.15 -17.90
C LYS A 85 -14.15 16.66 -17.91
N LYS A 86 -14.19 17.30 -16.75
CA LYS A 86 -14.41 18.75 -16.71
C LYS A 86 -13.14 19.52 -17.02
N TYR A 87 -12.01 19.12 -16.41
CA TYR A 87 -10.80 19.93 -16.45
C TYR A 87 -9.64 19.30 -17.23
N GLY A 88 -9.75 18.04 -17.66
CA GLY A 88 -8.60 17.38 -18.25
C GLY A 88 -7.76 16.69 -17.20
N ASP A 89 -6.51 16.40 -17.56
CA ASP A 89 -5.69 15.48 -16.76
C ASP A 89 -5.03 16.13 -15.55
N ILE A 90 -4.99 17.46 -15.46
CA ILE A 90 -4.34 18.15 -14.35
C ILE A 90 -5.36 19.05 -13.67
N PHE A 91 -5.49 18.89 -12.36
CA PHE A 91 -6.42 19.69 -11.58
C PHE A 91 -6.02 19.61 -10.13
N SER A 92 -6.37 20.63 -9.37
CA SER A 92 -6.11 20.64 -7.94
C SER A 92 -7.41 20.43 -7.19
N PHE A 93 -7.28 20.02 -5.93
CA PHE A 93 -8.43 19.99 -5.05
C PHE A 93 -7.95 20.14 -3.62
N VAL A 94 -8.80 20.68 -2.78
CA VAL A 94 -8.44 20.90 -1.38
C VAL A 94 -8.80 19.66 -0.58
N LEU A 95 -7.93 19.29 0.35
CA LEU A 95 -8.10 18.07 1.13
C LEU A 95 -7.62 18.35 2.56
N LEU A 96 -8.58 18.54 3.47
CA LEU A 96 -8.28 18.68 4.90
C LEU A 96 -7.12 19.63 5.15
N GLY A 97 -7.21 20.84 4.58
CA GLY A 97 -6.18 21.84 4.76
C GLY A 97 -5.08 21.86 3.72
N ARG A 98 -4.94 20.82 2.91
CA ARG A 98 -3.90 20.75 1.89
C ARG A 98 -4.50 21.00 0.50
N VAL A 99 -3.67 21.51 -0.40
CA VAL A 99 -4.02 21.59 -1.82
C VAL A 99 -3.30 20.45 -2.54
N MET A 100 -4.06 19.55 -3.15
CA MET A 100 -3.52 18.42 -3.88
C MET A 100 -3.65 18.69 -5.38
N THR A 101 -2.54 18.63 -6.10
CA THR A 101 -2.55 18.71 -7.56
C THR A 101 -2.41 17.31 -8.14
N VAL A 102 -3.41 16.89 -8.89
CA VAL A 102 -3.47 15.58 -9.53
C VAL A 102 -2.99 15.70 -10.97
N TYR A 103 -2.19 14.73 -11.41
CA TYR A 103 -1.78 14.61 -12.82
C TYR A 103 -2.06 13.16 -13.23
N LEU A 104 -3.18 12.95 -13.90
CA LEU A 104 -3.62 11.62 -14.31
C LEU A 104 -2.89 11.16 -15.57
N GLY A 105 -2.72 9.83 -15.70
CA GLY A 105 -2.22 9.24 -16.91
C GLY A 105 -0.72 9.05 -16.87
N PRO A 106 -0.16 8.47 -17.94
CA PRO A 106 1.30 8.21 -17.96
C PRO A 106 2.16 9.46 -17.89
N LYS A 107 1.68 10.62 -18.38
CA LYS A 107 2.46 11.84 -18.21
C LYS A 107 2.51 12.26 -16.75
N GLY A 108 1.45 11.97 -15.99
CA GLY A 108 1.48 12.21 -14.56
C GLY A 108 2.42 11.27 -13.83
N HIS A 109 2.47 10.00 -14.27
CA HIS A 109 3.46 9.09 -13.68
C HIS A 109 4.85 9.67 -13.85
N GLU A 110 5.13 10.17 -15.06
CA GLU A 110 6.44 10.73 -15.33
C GLU A 110 6.69 11.97 -14.49
N PHE A 111 5.69 12.85 -14.38
CA PHE A 111 5.84 14.10 -13.65
C PHE A 111 6.14 13.87 -12.17
N VAL A 112 5.41 12.94 -11.53
CA VAL A 112 5.53 12.75 -10.09
C VAL A 112 6.57 11.70 -9.74
N PHE A 113 6.56 10.54 -10.40
CA PHE A 113 7.50 9.50 -10.00
C PHE A 113 8.94 9.84 -10.38
N ASN A 114 9.14 10.58 -11.47
CA ASN A 114 10.49 10.99 -11.88
C ASN A 114 10.82 12.42 -11.49
N ALA A 115 10.02 13.04 -10.63
CA ALA A 115 10.31 14.40 -10.18
C ALA A 115 11.67 14.44 -9.51
N LYS A 116 12.34 15.58 -9.64
CA LYS A 116 13.67 15.71 -9.05
C LYS A 116 13.59 15.71 -7.54
N LEU A 117 14.64 15.18 -6.91
CA LEU A 117 14.71 15.10 -5.46
C LEU A 117 14.47 16.45 -4.79
N ALA A 118 15.07 17.52 -5.33
CA ALA A 118 14.88 18.85 -4.76
C ALA A 118 13.50 19.42 -5.01
N ASP A 119 12.72 18.85 -5.94
CA ASP A 119 11.40 19.40 -6.24
C ASP A 119 10.33 18.90 -5.27
N VAL A 120 10.37 17.61 -4.87
CA VAL A 120 9.29 16.99 -4.12
C VAL A 120 9.87 16.10 -3.02
N SER A 121 9.03 15.81 -2.03
CA SER A 121 9.44 15.02 -0.88
C SER A 121 8.32 14.05 -0.52
N ALA A 122 8.59 12.74 -0.60
CA ALA A 122 7.64 11.78 -0.05
C ALA A 122 7.64 11.81 1.47
N GLU A 123 8.82 11.97 2.09
CA GLU A 123 8.88 11.87 3.54
C GLU A 123 8.07 12.97 4.20
N ALA A 124 8.09 14.18 3.64
CA ALA A 124 7.28 15.26 4.21
C ALA A 124 5.80 15.00 4.06
N ALA A 125 5.39 14.20 3.07
CA ALA A 125 3.99 13.83 2.91
C ALA A 125 3.59 12.72 3.88
N TYR A 126 4.46 11.75 4.13
CA TYR A 126 4.06 10.53 4.83
C TYR A 126 4.57 10.42 6.27
N ALA A 127 5.51 11.26 6.71
CA ALA A 127 6.14 11.03 8.01
C ALA A 127 5.12 10.93 9.13
N HIS A 128 4.04 11.72 9.08
CA HIS A 128 3.04 11.66 10.13
C HIS A 128 2.21 10.40 10.05
N LEU A 129 2.14 9.77 8.87
CA LEU A 129 1.39 8.53 8.74
C LEU A 129 2.14 7.35 9.35
N THR A 130 3.44 7.25 9.10
CA THR A 130 4.19 6.04 9.37
C THR A 130 5.06 6.11 10.61
N THR A 131 5.71 7.24 10.87
CA THR A 131 6.57 7.33 12.04
C THR A 131 5.86 6.95 13.35
N PRO A 132 4.63 7.39 13.63
CA PRO A 132 3.95 6.94 14.86
C PRO A 132 3.74 5.45 14.92
N VAL A 133 3.72 4.76 13.78
CA VAL A 133 3.49 3.32 13.77
C VAL A 133 4.80 2.57 13.78
N PHE A 134 5.77 3.00 12.97
CA PHE A 134 6.99 2.23 12.79
C PHE A 134 8.00 2.53 13.89
N GLY A 135 8.10 3.79 14.29
CA GLY A 135 9.16 4.25 15.16
C GLY A 135 10.05 5.23 14.45
N LYS A 136 10.96 5.82 15.22
CA LYS A 136 11.78 6.90 14.71
C LYS A 136 13.01 6.37 13.97
N GLY A 137 13.57 7.22 13.11
CA GLY A 137 14.85 6.96 12.49
C GLY A 137 14.85 6.14 11.20
N VAL A 138 13.68 5.71 10.70
CA VAL A 138 13.61 4.91 9.49
C VAL A 138 12.52 5.45 8.57
N ILE A 139 12.58 5.00 7.31
CA ILE A 139 11.61 5.25 6.25
C ILE A 139 11.38 6.74 6.03
N HIS A 140 10.27 7.28 6.56
CA HIS A 140 10.00 8.70 6.35
C HIS A 140 10.52 9.58 7.48
N ASP A 141 11.09 8.99 8.51
CA ASP A 141 11.71 9.75 9.60
C ASP A 141 13.22 9.83 9.40
N CYS A 142 13.66 10.17 8.20
CA CYS A 142 15.08 10.25 7.89
C CYS A 142 15.24 10.91 6.51
N PRO A 143 16.43 11.44 6.22
CA PRO A 143 16.67 11.98 4.86
C PRO A 143 16.53 10.93 3.78
N ASN A 144 16.28 11.39 2.56
CA ASN A 144 16.09 10.48 1.43
C ASN A 144 17.30 9.58 1.22
N SER A 145 18.51 10.09 1.41
CA SER A 145 19.68 9.24 1.18
C SER A 145 19.73 8.08 2.17
N ARG A 146 19.26 8.29 3.41
CA ARG A 146 19.15 7.19 4.37
C ARG A 146 18.12 6.16 3.89
N LEU A 147 16.91 6.60 3.53
CA LEU A 147 15.90 5.71 2.96
C LEU A 147 16.45 4.91 1.78
N MET A 148 17.16 5.56 0.86
CA MET A 148 17.69 4.85 -0.30
C MET A 148 18.58 3.69 0.14
N GLU A 149 19.37 3.90 1.20
CA GLU A 149 20.24 2.83 1.68
C GLU A 149 19.49 1.78 2.49
N GLN A 150 18.48 2.17 3.27
CA GLN A 150 17.65 1.17 3.93
C GLN A 150 17.01 0.25 2.89
N LYS A 151 16.55 0.81 1.77
CA LYS A 151 16.02 -0.03 0.68
C LYS A 151 17.08 -0.98 0.15
N LYS A 152 18.34 -0.50 0.02
CA LYS A 152 19.43 -1.37 -0.39
C LYS A 152 19.67 -2.49 0.62
N PHE A 153 19.67 -2.16 1.92
CA PHE A 153 19.83 -3.19 2.95
C PHE A 153 18.74 -4.25 2.86
N VAL A 154 17.48 -3.82 2.82
CA VAL A 154 16.39 -4.80 2.77
C VAL A 154 16.49 -5.62 1.49
N LYS A 155 16.75 -4.95 0.35
CA LYS A 155 16.83 -5.64 -0.94
C LYS A 155 17.90 -6.73 -0.93
N GLY A 156 18.81 -6.70 0.04
CA GLY A 156 19.87 -7.69 0.11
C GLY A 156 19.46 -9.01 0.71
N ALA A 157 18.37 -9.05 1.46
CA ALA A 157 17.77 -10.32 1.82
C ALA A 157 16.79 -10.83 0.78
N LEU A 158 16.50 -10.06 -0.26
CA LEU A 158 15.49 -10.45 -1.24
C LEU A 158 16.12 -10.91 -2.55
N THR A 159 17.02 -11.87 -2.47
CA THR A 159 17.72 -12.35 -3.65
C THR A 159 17.05 -13.63 -4.15
N LYS A 160 17.41 -14.03 -5.38
CA LYS A 160 16.88 -15.27 -5.94
C LYS A 160 17.13 -16.45 -5.01
N GLU A 161 18.32 -16.53 -4.42
CA GLU A 161 18.63 -17.65 -3.56
C GLU A 161 17.89 -17.56 -2.23
N ALA A 162 17.54 -16.35 -1.79
CA ALA A 162 16.66 -16.27 -0.63
C ALA A 162 15.27 -16.80 -0.98
N PHE A 163 14.73 -16.41 -2.14
CA PHE A 163 13.43 -16.95 -2.54
C PHE A 163 13.46 -18.47 -2.67
N LYS A 164 14.60 -19.03 -3.07
CA LYS A 164 14.67 -20.48 -3.17
C LYS A 164 14.49 -21.14 -1.82
N SER A 165 14.95 -20.51 -0.73
CA SER A 165 14.69 -21.11 0.57
C SER A 165 13.38 -20.66 1.20
N TYR A 166 12.82 -19.52 0.79
CA TYR A 166 11.55 -19.07 1.37
C TYR A 166 10.39 -19.91 0.90
N VAL A 167 10.47 -20.44 -0.34
CA VAL A 167 9.33 -21.12 -0.93
C VAL A 167 8.89 -22.33 -0.12
N PRO A 168 9.77 -23.28 0.23
CA PRO A 168 9.29 -24.39 1.07
C PRO A 168 8.81 -23.94 2.46
N LEU A 169 9.35 -22.84 3.00
CA LEU A 169 8.90 -22.36 4.31
C LEU A 169 7.50 -21.78 4.23
N ILE A 170 7.24 -21.01 3.16
CA ILE A 170 5.91 -20.45 2.92
C ILE A 170 4.91 -21.58 2.68
N ALA A 171 5.32 -22.58 1.89
CA ALA A 171 4.44 -23.72 1.67
C ALA A 171 4.10 -24.43 2.98
N GLU A 172 5.10 -24.66 3.84
CA GLU A 172 4.82 -25.27 5.14
C GLU A 172 3.79 -24.46 5.93
N GLU A 173 3.95 -23.13 5.96
CA GLU A 173 3.01 -22.28 6.69
C GLU A 173 1.60 -22.37 6.13
N VAL A 174 1.46 -22.40 4.79
CA VAL A 174 0.13 -22.50 4.23
C VAL A 174 -0.50 -23.83 4.61
N TYR A 175 0.25 -24.93 4.48
CA TYR A 175 -0.32 -26.23 4.84
C TYR A 175 -0.65 -26.29 6.32
N LYS A 176 0.22 -25.75 7.19
CA LYS A 176 -0.11 -25.67 8.60
C LYS A 176 -1.42 -24.91 8.81
N TYR A 177 -1.59 -23.79 8.12
CA TYR A 177 -2.81 -23.01 8.29
C TYR A 177 -4.04 -23.82 7.86
N PHE A 178 -3.94 -24.54 6.73
CA PHE A 178 -5.04 -25.40 6.30
C PHE A 178 -5.37 -26.46 7.35
N ARG A 179 -4.33 -27.06 7.94
CA ARG A 179 -4.54 -28.07 8.98
C ARG A 179 -5.14 -27.46 10.24
N ASP A 180 -4.59 -26.34 10.73
CA ASP A 180 -4.83 -25.96 12.12
C ASP A 180 -5.86 -24.84 12.31
N SER A 181 -6.08 -23.98 11.32
CA SER A 181 -6.96 -22.84 11.50
C SER A 181 -8.41 -23.30 11.62
N LYS A 182 -9.16 -22.67 12.53
CA LYS A 182 -10.60 -22.91 12.60
C LYS A 182 -11.29 -22.65 11.26
N ASN A 183 -10.71 -21.77 10.44
CA ASN A 183 -11.33 -21.45 9.16
C ASN A 183 -11.28 -22.62 8.18
N PHE A 184 -10.35 -23.57 8.35
CA PHE A 184 -10.27 -24.69 7.44
C PHE A 184 -10.42 -26.02 8.18
N ARG A 185 -9.35 -26.50 8.83
CA ARG A 185 -9.30 -27.82 9.46
C ARG A 185 -9.55 -28.92 8.42
N LEU A 186 -8.66 -28.98 7.43
CA LEU A 186 -8.90 -29.85 6.27
C LEU A 186 -8.88 -31.33 6.62
N ASN A 187 -8.24 -31.71 7.74
CA ASN A 187 -8.26 -33.13 8.12
C ASN A 187 -9.60 -33.56 8.69
N GLU A 188 -10.44 -32.62 9.13
CA GLU A 188 -11.72 -32.99 9.69
C GLU A 188 -12.91 -32.39 8.95
N ARG A 189 -12.69 -31.44 8.04
CA ARG A 189 -13.76 -30.84 7.27
C ARG A 189 -13.39 -30.89 5.79
N THR A 190 -14.39 -31.13 4.94
CA THR A 190 -14.19 -31.18 3.50
C THR A 190 -14.77 -29.97 2.78
N THR A 191 -15.63 -29.20 3.44
CA THR A 191 -16.16 -27.97 2.90
C THR A 191 -16.32 -26.98 4.04
N GLY A 192 -16.47 -25.71 3.71
CA GLY A 192 -16.62 -24.69 4.72
C GLY A 192 -16.77 -23.32 4.09
N THR A 193 -17.04 -22.33 4.93
CA THR A 193 -17.20 -20.95 4.52
C THR A 193 -16.17 -20.08 5.26
N ILE A 194 -15.51 -19.19 4.53
CA ILE A 194 -14.53 -18.29 5.14
C ILE A 194 -14.79 -16.86 4.73
N ASP A 195 -14.43 -15.94 5.61
CA ASP A 195 -14.32 -14.53 5.27
C ASP A 195 -12.87 -14.29 4.86
N VAL A 196 -12.65 -13.89 3.61
CA VAL A 196 -11.28 -13.78 3.12
C VAL A 196 -10.53 -12.63 3.77
N MET A 197 -11.24 -11.64 4.32
CA MET A 197 -10.55 -10.62 5.10
C MET A 197 -10.29 -11.04 6.54
N VAL A 198 -10.64 -12.26 6.91
CA VAL A 198 -10.11 -12.88 8.12
C VAL A 198 -8.93 -13.76 7.79
N THR A 199 -9.07 -14.63 6.78
CA THR A 199 -8.04 -15.64 6.53
C THR A 199 -6.79 -15.04 5.89
N GLN A 200 -6.95 -14.07 4.95
CA GLN A 200 -5.78 -13.64 4.20
C GLN A 200 -4.81 -12.81 5.05
N PRO A 201 -5.27 -11.88 5.90
CA PRO A 201 -4.31 -11.24 6.82
C PRO A 201 -3.57 -12.23 7.71
N GLU A 202 -4.26 -13.27 8.20
CA GLU A 202 -3.61 -14.27 9.03
C GLU A 202 -2.58 -15.08 8.24
N MET A 203 -2.96 -15.58 7.05
CA MET A 203 -2.01 -16.36 6.27
C MET A 203 -0.83 -15.50 5.84
N THR A 204 -1.10 -14.23 5.57
CA THR A 204 -0.03 -13.33 5.15
C THR A 204 0.96 -13.08 6.29
N ILE A 205 0.49 -12.87 7.52
CA ILE A 205 1.46 -12.58 8.58
C ILE A 205 2.26 -13.85 8.92
N PHE A 206 1.59 -15.02 8.94
CA PHE A 206 2.30 -16.27 9.21
C PHE A 206 3.39 -16.53 8.16
N THR A 207 3.07 -16.36 6.86
CA THR A 207 4.07 -16.68 5.84
C THR A 207 5.16 -15.62 5.80
N ALA A 208 4.80 -14.35 5.97
CA ALA A 208 5.83 -13.31 5.95
C ALA A 208 6.72 -13.36 7.20
N SER A 209 6.17 -13.76 8.35
CA SER A 209 6.98 -13.87 9.56
C SER A 209 8.01 -14.98 9.42
N ARG A 210 7.55 -16.18 9.06
CA ARG A 210 8.43 -17.34 9.01
C ARG A 210 9.60 -17.11 8.07
N SER A 211 9.35 -16.50 6.90
CA SER A 211 10.41 -16.34 5.92
C SER A 211 11.26 -15.09 6.16
N LEU A 212 10.65 -13.93 6.40
CA LEU A 212 11.49 -12.75 6.56
C LEU A 212 12.02 -12.59 7.97
N LEU A 213 11.23 -12.95 8.97
CA LEU A 213 11.64 -12.75 10.36
C LEU A 213 12.29 -13.97 10.98
N GLY A 214 11.91 -15.16 10.56
CA GLY A 214 12.53 -16.38 11.04
C GLY A 214 11.61 -17.12 11.99
N LYS A 215 12.11 -18.30 12.40
CA LYS A 215 11.28 -19.24 13.14
C LYS A 215 10.92 -18.71 14.53
N GLU A 216 11.84 -17.98 15.17
CA GLU A 216 11.55 -17.46 16.52
C GLU A 216 10.37 -16.51 16.48
N MET A 217 10.40 -15.52 15.57
CA MET A 217 9.30 -14.56 15.52
C MET A 217 8.02 -15.21 15.05
N ARG A 218 8.12 -16.19 14.14
CA ARG A 218 6.94 -16.98 13.79
C ARG A 218 6.38 -17.70 15.01
N ALA A 219 7.26 -18.30 15.82
CA ALA A 219 6.82 -18.97 17.03
C ALA A 219 6.04 -18.01 17.95
N LYS A 220 6.48 -16.75 18.06
CA LYS A 220 5.77 -15.80 18.90
C LYS A 220 4.35 -15.55 18.46
N LEU A 221 4.03 -15.82 17.20
CA LEU A 221 2.67 -15.59 16.76
C LEU A 221 1.68 -16.61 17.29
N ASP A 222 2.16 -17.73 17.82
CA ASP A 222 1.30 -18.69 18.51
C ASP A 222 1.02 -18.33 19.97
N THR A 223 1.36 -17.12 20.41
CA THR A 223 1.15 -16.71 21.79
C THR A 223 0.28 -15.45 21.83
N ASP A 224 0.05 -14.96 23.05
CA ASP A 224 -0.66 -13.70 23.25
C ASP A 224 0.09 -12.52 22.66
N PHE A 225 1.37 -12.70 22.32
CA PHE A 225 2.11 -11.67 21.60
C PHE A 225 1.40 -11.26 20.32
N ALA A 226 0.69 -12.18 19.68
CA ALA A 226 -0.02 -11.87 18.43
C ALA A 226 -0.99 -10.72 18.62
N TYR A 227 -1.48 -10.50 19.85
CA TYR A 227 -2.39 -9.38 20.09
C TYR A 227 -1.68 -8.04 19.91
N LEU A 228 -0.38 -8.00 20.13
CA LEU A 228 0.36 -6.76 19.91
C LEU A 228 0.38 -6.40 18.43
N TYR A 229 0.52 -7.40 17.55
CA TYR A 229 0.49 -7.12 16.11
C TYR A 229 -0.87 -6.54 15.71
N SER A 230 -1.96 -7.08 16.26
CA SER A 230 -3.27 -6.52 15.98
C SER A 230 -3.36 -5.06 16.40
N ASP A 231 -2.88 -4.75 17.61
CA ASP A 231 -2.90 -3.38 18.11
C ASP A 231 -2.05 -2.44 17.26
N LEU A 232 -0.84 -2.88 16.90
CA LEU A 232 -0.02 -2.03 16.04
C LEU A 232 -0.67 -1.87 14.67
N ASP A 233 -1.26 -2.95 14.15
CA ASP A 233 -1.95 -2.89 12.87
C ASP A 233 -3.05 -1.82 12.88
N LYS A 234 -3.78 -1.70 13.99
CA LYS A 234 -4.86 -0.74 14.05
C LYS A 234 -4.38 0.70 14.06
N GLY A 235 -3.12 0.94 14.45
CA GLY A 235 -2.58 2.28 14.36
C GLY A 235 -2.20 2.75 12.97
N PHE A 236 -2.16 1.82 12.00
CA PHE A 236 -1.85 2.12 10.60
C PHE A 236 -3.16 2.52 9.92
N THR A 237 -3.52 3.80 10.01
CA THR A 237 -4.82 4.25 9.53
C THR A 237 -4.70 5.68 9.02
N PRO A 238 -5.52 6.07 8.03
CA PRO A 238 -5.44 7.45 7.50
C PRO A 238 -5.70 8.53 8.53
N ILE A 239 -6.31 8.20 9.67
CA ILE A 239 -6.57 9.20 10.71
C ILE A 239 -5.27 9.87 11.16
N ASN A 240 -4.14 9.16 11.06
CA ASN A 240 -2.87 9.74 11.45
C ASN A 240 -2.49 10.95 10.60
N PHE A 241 -3.12 11.14 9.43
CA PHE A 241 -2.91 12.38 8.69
C PHE A 241 -3.51 13.58 9.42
N VAL A 242 -4.50 13.37 10.28
CA VAL A 242 -5.18 14.44 11.00
C VAL A 242 -4.88 14.38 12.49
N PHE A 243 -5.09 13.21 13.09
CA PHE A 243 -4.86 13.00 14.53
C PHE A 243 -3.80 11.92 14.70
N PRO A 244 -2.51 12.29 14.57
CA PRO A 244 -1.45 11.30 14.79
C PRO A 244 -1.28 10.93 16.25
N ASN A 245 -1.63 11.82 17.17
CA ASN A 245 -1.52 11.54 18.60
C ASN A 245 -2.71 12.14 19.32
N LEU A 246 -3.52 11.30 19.93
CA LEU A 246 -4.62 11.70 20.79
C LEU A 246 -4.57 10.90 22.07
N PRO A 247 -4.85 11.53 23.22
CA PRO A 247 -4.92 10.76 24.48
C PRO A 247 -6.12 9.82 24.52
N LEU A 248 -6.01 8.69 23.81
CA LEU A 248 -7.06 7.68 23.78
C LEU A 248 -6.40 6.31 23.83
N GLU A 249 -7.23 5.29 24.10
CA GLU A 249 -6.71 3.92 24.22
C GLU A 249 -6.21 3.38 22.88
N HIS A 250 -6.79 3.84 21.77
CA HIS A 250 -6.29 3.42 20.47
C HIS A 250 -4.83 3.81 20.30
N TYR A 251 -4.50 5.06 20.63
CA TYR A 251 -3.14 5.56 20.44
C TYR A 251 -2.17 4.95 21.45
N ARG A 252 -2.65 4.58 22.64
CA ARG A 252 -1.73 4.03 23.64
C ARG A 252 -1.50 2.54 23.44
N LYS A 253 -2.50 1.80 22.95
CA LYS A 253 -2.25 0.42 22.58
C LYS A 253 -1.29 0.33 21.40
N ARG A 254 -1.37 1.27 20.47
CA ARG A 254 -0.45 1.33 19.34
C ARG A 254 0.98 1.59 19.80
N ASP A 255 1.16 2.63 20.63
CA ASP A 255 2.51 2.97 21.09
C ASP A 255 3.10 1.86 21.95
N HIS A 256 2.28 1.25 22.80
CA HIS A 256 2.73 0.08 23.57
C HIS A 256 3.16 -1.05 22.65
N ALA A 257 2.37 -1.33 21.60
CA ALA A 257 2.72 -2.41 20.68
C ALA A 257 4.04 -2.12 19.97
N GLN A 258 4.22 -0.89 19.49
CA GLN A 258 5.46 -0.56 18.80
C GLN A 258 6.66 -0.81 19.70
N LYS A 259 6.57 -0.43 20.98
CA LYS A 259 7.68 -0.66 21.89
C LYS A 259 7.84 -2.14 22.19
N ALA A 260 6.73 -2.84 22.47
CA ALA A 260 6.84 -4.26 22.78
C ALA A 260 7.36 -5.06 21.56
N ILE A 261 6.85 -4.76 20.37
CA ILE A 261 7.26 -5.54 19.22
C ILE A 261 8.72 -5.25 18.87
N SER A 262 9.08 -3.96 18.83
CA SER A 262 10.47 -3.64 18.48
C SER A 262 11.41 -4.11 19.58
N GLY A 263 10.96 -4.14 20.83
CA GLY A 263 11.78 -4.70 21.89
C GLY A 263 12.03 -6.18 21.69
N THR A 264 11.02 -6.89 21.17
CA THR A 264 11.20 -8.32 20.89
C THR A 264 12.20 -8.55 19.79
N TYR A 265 12.14 -7.75 18.70
CA TYR A 265 13.14 -7.84 17.65
C TYR A 265 14.54 -7.50 18.17
N MET A 266 14.65 -6.44 18.99
CA MET A 266 15.97 -6.09 19.52
C MET A 266 16.52 -7.19 20.43
N SER A 267 15.65 -7.80 21.24
CA SER A 267 16.08 -8.91 22.07
C SER A 267 16.69 -10.03 21.23
N LEU A 268 16.02 -10.39 20.13
CA LEU A 268 16.54 -11.45 19.27
C LEU A 268 17.85 -11.04 18.64
N ILE A 269 17.96 -9.78 18.24
CA ILE A 269 19.15 -9.28 17.58
C ILE A 269 20.35 -9.32 18.53
N LYS A 270 20.19 -8.73 19.71
CA LYS A 270 21.28 -8.71 20.68
C LYS A 270 21.65 -10.13 21.11
N GLU A 271 20.65 -11.01 21.21
CA GLU A 271 20.95 -12.41 21.52
C GLU A 271 21.81 -13.04 20.44
N ARG A 272 21.44 -12.86 19.16
CA ARG A 272 22.19 -13.50 18.08
C ARG A 272 23.64 -13.03 18.05
N ARG A 273 23.89 -11.73 18.22
CA ARG A 273 25.27 -11.27 18.15
C ARG A 273 26.05 -11.56 19.43
N LYS A 274 25.35 -11.68 20.57
CA LYS A 274 25.98 -12.21 21.77
C LYS A 274 26.59 -13.59 21.51
N ASN A 275 25.86 -14.45 20.78
CA ASN A 275 26.28 -15.83 20.52
C ASN A 275 26.99 -16.00 19.19
N ASN A 276 27.25 -14.91 18.44
CA ASN A 276 27.74 -14.99 17.06
C ASN A 276 26.88 -15.90 16.20
N ASP A 277 25.60 -16.04 16.55
CA ASP A 277 24.67 -16.84 15.75
C ASP A 277 24.03 -15.93 14.69
N ILE A 278 24.86 -15.47 13.76
CA ILE A 278 24.43 -14.61 12.67
C ILE A 278 24.69 -15.36 11.36
N GLN A 279 23.62 -15.81 10.72
CA GLN A 279 23.72 -16.62 9.50
C GLN A 279 23.15 -15.90 8.29
N ASP A 280 22.53 -16.65 7.39
CA ASP A 280 21.88 -16.15 6.18
C ASP A 280 20.46 -16.70 6.07
N ARG A 281 19.73 -16.68 7.17
CA ARG A 281 18.41 -17.29 7.25
C ARG A 281 17.30 -16.35 6.81
N ASP A 282 17.28 -15.14 7.36
CA ASP A 282 16.11 -14.27 7.30
C ASP A 282 16.58 -12.83 7.12
N LEU A 283 15.64 -11.90 7.21
CA LEU A 283 15.99 -10.50 7.02
C LEU A 283 16.71 -9.93 8.24
N ILE A 284 16.54 -10.55 9.41
CA ILE A 284 17.21 -10.08 10.61
C ILE A 284 18.71 -10.32 10.52
N ASP A 285 19.12 -11.54 10.17
CA ASP A 285 20.53 -11.81 9.90
C ASP A 285 21.10 -10.83 8.87
N SER A 286 20.39 -10.63 7.76
CA SER A 286 20.88 -9.76 6.70
C SER A 286 21.10 -8.34 7.20
N LEU A 287 20.12 -7.79 7.91
CA LEU A 287 20.30 -6.43 8.42
C LEU A 287 21.40 -6.37 9.49
N MET A 288 21.62 -7.46 10.23
CA MET A 288 22.71 -7.42 11.20
C MET A 288 24.07 -7.36 10.51
N LYS A 289 24.21 -7.95 9.33
CA LYS A 289 25.51 -7.92 8.66
C LYS A 289 25.65 -6.77 7.67
N ASN A 290 24.54 -6.15 7.27
CA ASN A 290 24.59 -5.21 6.15
C ASN A 290 23.63 -4.08 6.50
N SER A 291 24.06 -3.19 7.38
CA SER A 291 23.25 -2.03 7.74
C SER A 291 24.15 -0.86 8.14
N THR A 292 25.27 -0.70 7.45
CA THR A 292 26.17 0.44 7.64
C THR A 292 25.97 1.40 6.47
N TYR A 293 25.60 2.64 6.78
CA TYR A 293 25.43 3.67 5.77
C TYR A 293 26.77 4.05 5.14
N LYS A 294 26.69 4.75 4.00
CA LYS A 294 27.87 5.08 3.21
C LYS A 294 28.73 6.18 3.85
N ASP A 295 28.25 6.87 4.89
CA ASP A 295 29.10 7.78 5.66
C ASP A 295 29.70 7.10 6.88
N GLY A 296 29.58 5.78 6.99
CA GLY A 296 30.13 5.02 8.08
C GLY A 296 29.18 4.77 9.24
N VAL A 297 28.10 5.55 9.35
CA VAL A 297 27.17 5.38 10.45
C VAL A 297 26.47 4.03 10.33
N LYS A 298 26.37 3.32 11.44
CA LYS A 298 25.60 2.10 11.51
C LYS A 298 24.19 2.38 12.03
N MET A 299 23.21 1.69 11.46
CA MET A 299 21.88 1.65 12.05
C MET A 299 21.93 1.09 13.47
N THR A 300 21.17 1.67 14.37
CA THR A 300 21.09 1.09 15.70
C THR A 300 20.18 -0.13 15.70
N ASP A 301 20.19 -0.88 16.81
CA ASP A 301 19.28 -2.00 16.93
C ASP A 301 17.83 -1.55 16.96
N GLN A 302 17.57 -0.38 17.55
CA GLN A 302 16.23 0.18 17.50
C GLN A 302 15.80 0.48 16.07
N GLU A 303 16.69 1.08 15.27
CA GLU A 303 16.33 1.44 13.90
C GLU A 303 16.18 0.21 13.03
N ILE A 304 17.00 -0.82 13.25
CA ILE A 304 16.79 -2.09 12.57
C ILE A 304 15.42 -2.67 12.89
N ALA A 305 15.05 -2.66 14.18
CA ALA A 305 13.74 -3.18 14.57
C ALA A 305 12.60 -2.35 13.99
N ASN A 306 12.76 -1.03 13.98
CA ASN A 306 11.73 -0.17 13.40
C ASN A 306 11.59 -0.40 11.90
N LEU A 307 12.73 -0.69 11.23
CA LEU A 307 12.70 -0.94 9.80
C LEU A 307 12.01 -2.26 9.48
N LEU A 308 12.27 -3.30 10.30
CA LEU A 308 11.56 -4.57 10.16
C LEU A 308 10.06 -4.36 10.30
N ILE A 309 9.64 -3.59 11.31
CA ILE A 309 8.22 -3.30 11.50
C ILE A 309 7.64 -2.68 10.25
N GLY A 310 8.30 -1.64 9.73
CA GLY A 310 7.74 -0.92 8.59
C GLY A 310 7.61 -1.80 7.36
N VAL A 311 8.65 -2.60 7.08
CA VAL A 311 8.65 -3.45 5.90
C VAL A 311 7.59 -4.53 6.02
N LEU A 312 7.50 -5.16 7.20
CA LEU A 312 6.50 -6.18 7.43
C LEU A 312 5.10 -5.61 7.38
N MET A 313 4.91 -4.40 7.91
CA MET A 313 3.56 -3.81 7.95
C MET A 313 3.09 -3.40 6.56
N GLY A 314 3.95 -2.80 5.76
CA GLY A 314 3.57 -2.46 4.40
C GLY A 314 3.31 -3.69 3.56
N GLY A 315 4.26 -4.63 3.54
CA GLY A 315 4.07 -5.88 2.84
C GLY A 315 2.88 -6.67 3.33
N GLN A 316 2.56 -6.57 4.62
CA GLN A 316 1.35 -7.20 5.16
C GLN A 316 0.09 -6.69 4.49
N HIS A 317 -0.06 -5.36 4.42
CA HIS A 317 -1.32 -4.81 3.93
C HIS A 317 -1.49 -4.97 2.43
N THR A 318 -0.44 -4.72 1.64
CA THR A 318 -0.58 -4.86 0.18
C THR A 318 -0.81 -6.31 -0.21
N SER A 319 -0.06 -7.22 0.39
CA SER A 319 -0.12 -8.62 -0.01
C SER A 319 -1.42 -9.28 0.43
N ALA A 320 -1.87 -8.99 1.64
CA ALA A 320 -3.09 -9.63 2.12
C ALA A 320 -4.30 -9.11 1.35
N ALA A 321 -4.31 -7.82 1.04
CA ALA A 321 -5.38 -7.29 0.20
C ALA A 321 -5.36 -7.97 -1.15
N THR A 322 -4.17 -8.20 -1.71
CA THR A 322 -4.11 -8.74 -3.06
C THR A 322 -4.53 -10.20 -3.10
N SER A 323 -4.13 -11.02 -2.11
CA SER A 323 -4.59 -12.40 -2.15
C SER A 323 -6.08 -12.49 -1.86
N ALA A 324 -6.62 -11.57 -1.05
CA ALA A 324 -8.08 -11.51 -0.90
C ALA A 324 -8.76 -11.30 -2.25
N TRP A 325 -8.27 -10.33 -3.05
CA TRP A 325 -8.90 -10.04 -4.34
C TRP A 325 -8.73 -11.21 -5.31
N ILE A 326 -7.60 -11.89 -5.28
CA ILE A 326 -7.42 -13.04 -6.16
C ILE A 326 -8.48 -14.10 -5.86
N LEU A 327 -8.64 -14.48 -4.58
CA LEU A 327 -9.65 -15.46 -4.20
C LEU A 327 -11.04 -15.00 -4.59
N LEU A 328 -11.33 -13.70 -4.40
CA LEU A 328 -12.64 -13.17 -4.74
C LEU A 328 -12.90 -13.19 -6.24
N HIS A 329 -11.92 -12.81 -7.07
CA HIS A 329 -12.15 -12.90 -8.51
C HIS A 329 -12.25 -14.33 -8.99
N LEU A 330 -11.45 -15.24 -8.42
CA LEU A 330 -11.56 -16.62 -8.91
C LEU A 330 -12.84 -17.32 -8.43
N ALA A 331 -13.43 -16.88 -7.32
CA ALA A 331 -14.62 -17.53 -6.78
C ALA A 331 -15.80 -17.49 -7.75
N GLU A 332 -15.82 -16.52 -8.66
CA GLU A 332 -16.83 -16.48 -9.70
C GLU A 332 -16.26 -16.90 -11.06
N ARG A 333 -15.09 -17.53 -11.09
CA ARG A 333 -14.44 -17.92 -12.34
C ARG A 333 -13.89 -19.33 -12.22
N PRO A 334 -14.78 -20.33 -12.19
CA PRO A 334 -14.29 -21.71 -12.15
C PRO A 334 -13.51 -22.11 -13.39
N ASP A 335 -13.69 -21.39 -14.51
CA ASP A 335 -12.88 -21.63 -15.69
C ASP A 335 -11.42 -21.27 -15.44
N VAL A 336 -11.16 -20.14 -14.79
CA VAL A 336 -9.79 -19.77 -14.45
C VAL A 336 -9.20 -20.73 -13.43
N GLN A 337 -9.98 -21.11 -12.41
CA GLN A 337 -9.49 -22.13 -11.47
C GLN A 337 -9.09 -23.40 -12.21
N GLN A 338 -9.91 -23.82 -13.18
CA GLN A 338 -9.64 -25.02 -13.95
C GLN A 338 -8.35 -24.87 -14.76
N GLU A 339 -8.23 -23.74 -15.48
CA GLU A 339 -7.01 -23.42 -16.23
C GLU A 339 -5.78 -23.41 -15.33
N LEU A 340 -5.86 -22.76 -14.18
CA LEU A 340 -4.73 -22.76 -13.26
C LEU A 340 -4.44 -24.17 -12.76
N TYR A 341 -5.49 -24.94 -12.45
CA TYR A 341 -5.26 -26.29 -11.98
C TYR A 341 -4.50 -27.13 -13.02
N GLU A 342 -4.91 -27.05 -14.30
CA GLU A 342 -4.19 -27.78 -15.34
C GLU A 342 -2.72 -27.38 -15.41
N GLU A 343 -2.44 -26.08 -15.31
CA GLU A 343 -1.05 -25.64 -15.32
C GLU A 343 -0.27 -26.25 -14.16
N GLN A 344 -0.87 -26.29 -12.97
CA GLN A 344 -0.21 -26.93 -11.82
C GLN A 344 0.08 -28.39 -12.10
N MET A 345 -0.87 -29.12 -12.70
CA MET A 345 -0.65 -30.54 -12.95
C MET A 345 0.44 -30.77 -13.99
N ARG A 346 0.54 -29.87 -14.96
CA ARG A 346 1.60 -30.00 -15.95
C ARG A 346 2.96 -29.64 -15.36
N VAL A 347 3.05 -28.48 -14.70
CA VAL A 347 4.36 -28.02 -14.26
C VAL A 347 4.89 -28.91 -13.13
N LEU A 348 4.01 -29.40 -12.26
CA LEU A 348 4.44 -30.19 -11.11
C LEU A 348 4.28 -31.70 -11.33
N ASP A 349 4.10 -32.13 -12.58
CA ASP A 349 4.00 -33.56 -12.93
C ASP A 349 2.94 -34.26 -12.10
N GLY A 350 1.72 -33.72 -12.15
CA GLY A 350 0.62 -34.31 -11.41
C GLY A 350 0.71 -34.20 -9.90
N GLY A 351 1.57 -33.30 -9.38
CA GLY A 351 1.75 -33.14 -7.95
C GLY A 351 2.89 -33.94 -7.37
N LYS A 352 3.57 -34.77 -8.18
CA LYS A 352 4.72 -35.51 -7.72
C LYS A 352 6.01 -34.67 -7.69
N LYS A 353 5.97 -33.43 -8.14
CA LYS A 353 7.09 -32.51 -7.96
C LYS A 353 6.79 -31.55 -6.82
N GLU A 354 7.79 -31.33 -5.98
CA GLU A 354 7.69 -30.31 -4.95
C GLU A 354 7.82 -28.92 -5.57
N LEU A 355 6.94 -28.03 -5.15
CA LEU A 355 7.00 -26.64 -5.57
C LEU A 355 8.35 -26.02 -5.19
N THR A 356 9.02 -25.42 -6.17
CA THR A 356 10.27 -24.71 -5.93
C THR A 356 10.15 -23.33 -6.54
N TYR A 357 11.07 -22.44 -6.15
CA TYR A 357 11.06 -21.10 -6.72
C TYR A 357 11.21 -21.16 -8.23
N ASP A 358 12.03 -22.09 -8.75
CA ASP A 358 12.22 -22.18 -10.19
C ASP A 358 10.96 -22.69 -10.90
N LEU A 359 10.25 -23.65 -10.31
CA LEU A 359 9.01 -24.10 -10.94
C LEU A 359 7.95 -23.00 -10.92
N LEU A 360 7.96 -22.14 -9.90
CA LEU A 360 7.07 -20.98 -9.86
C LEU A 360 7.23 -20.11 -11.09
N GLN A 361 8.46 -19.99 -11.59
CA GLN A 361 8.69 -19.15 -12.78
C GLN A 361 8.17 -19.80 -14.05
N GLU A 362 7.92 -21.11 -14.04
CA GLU A 362 7.32 -21.82 -15.16
C GLU A 362 5.81 -21.92 -15.06
N MET A 363 5.17 -21.07 -14.27
CA MET A 363 3.72 -21.06 -14.13
C MET A 363 3.19 -19.72 -14.61
N PRO A 364 3.24 -19.45 -15.92
CA PRO A 364 2.82 -18.13 -16.40
C PRO A 364 1.39 -17.77 -16.02
N LEU A 365 0.43 -18.68 -16.17
CA LEU A 365 -0.96 -18.29 -15.93
C LEU A 365 -1.17 -17.89 -14.47
N LEU A 366 -0.55 -18.59 -13.55
CA LEU A 366 -0.61 -18.20 -12.14
C LEU A 366 -0.07 -16.79 -11.94
N ASN A 367 1.08 -16.48 -12.56
CA ASN A 367 1.64 -15.14 -12.43
C ASN A 367 0.81 -14.07 -13.13
N GLN A 368 0.19 -14.40 -14.27
CA GLN A 368 -0.71 -13.46 -14.94
C GLN A 368 -1.94 -13.16 -14.11
N THR A 369 -2.38 -14.12 -13.29
CA THR A 369 -3.51 -13.89 -12.40
C THR A 369 -3.16 -12.86 -11.31
N ILE A 370 -1.95 -12.94 -10.75
CA ILE A 370 -1.48 -11.91 -9.82
C ILE A 370 -1.36 -10.57 -10.53
N LYS A 371 -0.77 -10.58 -11.72
CA LYS A 371 -0.62 -9.35 -12.50
C LYS A 371 -1.96 -8.70 -12.76
N GLU A 372 -2.96 -9.49 -13.18
CA GLU A 372 -4.27 -8.94 -13.51
C GLU A 372 -5.00 -8.47 -12.26
N THR A 373 -4.82 -9.17 -11.15
CA THR A 373 -5.39 -8.68 -9.90
C THR A 373 -4.76 -7.36 -9.49
N LEU A 374 -3.43 -7.22 -9.65
CA LEU A 374 -2.83 -5.94 -9.32
C LEU A 374 -3.24 -4.86 -10.32
N ARG A 375 -3.64 -5.21 -11.54
CA ARG A 375 -4.15 -4.18 -12.43
C ARG A 375 -5.50 -3.67 -11.92
N MET A 376 -6.40 -4.59 -11.63
CA MET A 376 -7.76 -4.19 -11.26
C MET A 376 -7.83 -3.65 -9.85
N HIS A 377 -6.90 -4.05 -8.98
CA HIS A 377 -6.93 -3.64 -7.57
C HIS A 377 -5.53 -3.22 -7.13
N HIS A 378 -5.07 -2.08 -7.61
CA HIS A 378 -3.87 -1.47 -7.07
C HIS A 378 -4.13 -1.20 -5.60
N PRO A 379 -3.31 -1.71 -4.69
CA PRO A 379 -3.57 -1.52 -3.25
C PRO A 379 -3.51 -0.07 -2.81
N LEU A 380 -2.71 0.76 -3.45
CA LEU A 380 -2.51 2.13 -3.02
C LEU A 380 -3.12 3.04 -4.07
N HIS A 381 -4.30 3.62 -3.78
CA HIS A 381 -4.97 4.29 -4.89
C HIS A 381 -4.33 5.62 -5.22
N SER A 382 -3.58 6.21 -4.30
CA SER A 382 -3.00 7.53 -4.48
C SER A 382 -1.63 7.55 -3.82
N LEU A 383 -0.64 8.09 -4.51
CA LEU A 383 0.68 8.31 -3.95
C LEU A 383 0.96 9.81 -3.95
N PHE A 384 1.45 10.33 -2.83
CA PHE A 384 1.61 11.76 -2.59
C PHE A 384 3.08 12.15 -2.58
N ARG A 385 3.34 13.40 -2.96
CA ARG A 385 4.58 14.09 -2.61
C ARG A 385 4.23 15.51 -2.19
N LYS A 386 4.99 16.06 -1.23
CA LYS A 386 4.89 17.48 -0.94
C LYS A 386 5.83 18.25 -1.86
N VAL A 387 5.34 19.32 -2.45
CA VAL A 387 6.15 20.11 -3.38
C VAL A 387 7.02 21.07 -2.57
N MET A 388 8.34 20.99 -2.77
CA MET A 388 9.29 21.77 -2.02
C MET A 388 9.80 23.00 -2.79
N LYS A 389 9.83 22.93 -4.12
CA LYS A 389 10.19 24.05 -4.98
C LYS A 389 9.13 24.19 -6.06
N ASP A 390 8.89 25.42 -6.51
CA ASP A 390 7.91 25.63 -7.57
C ASP A 390 8.30 24.81 -8.80
N MET A 391 7.33 24.10 -9.36
CA MET A 391 7.54 23.20 -10.48
C MET A 391 6.72 23.69 -11.67
N HIS A 392 7.35 23.73 -12.84
CA HIS A 392 6.62 24.02 -14.07
C HIS A 392 6.14 22.72 -14.69
N VAL A 393 4.84 22.65 -14.98
CA VAL A 393 4.27 21.51 -15.69
C VAL A 393 4.60 21.65 -17.17
N PRO A 394 5.38 20.73 -17.75
CA PRO A 394 5.81 20.89 -19.15
C PRO A 394 4.65 20.98 -20.13
N ASN A 395 4.88 21.74 -21.20
CA ASN A 395 3.92 21.95 -22.27
C ASN A 395 2.64 22.60 -21.78
N THR A 396 2.70 23.28 -20.64
CA THR A 396 1.61 24.07 -20.12
C THR A 396 2.18 25.37 -19.54
N SER A 397 1.28 26.24 -19.12
CA SER A 397 1.64 27.43 -18.36
C SER A 397 1.46 27.25 -16.86
N TYR A 398 1.23 26.02 -16.41
CA TYR A 398 0.97 25.76 -15.00
C TYR A 398 2.27 25.78 -14.18
N VAL A 399 2.18 26.38 -13.00
CA VAL A 399 3.23 26.31 -11.99
C VAL A 399 2.60 25.76 -10.72
N ILE A 400 3.17 24.68 -10.18
CA ILE A 400 2.74 24.10 -8.93
C ILE A 400 3.62 24.70 -7.82
N PRO A 401 3.12 25.60 -7.00
CA PRO A 401 3.98 26.28 -6.04
C PRO A 401 4.37 25.37 -4.88
N ALA A 402 5.48 25.71 -4.24
CA ALA A 402 5.92 24.98 -3.06
C ALA A 402 4.85 25.08 -1.96
N GLY A 403 4.66 23.98 -1.23
CA GLY A 403 3.60 23.87 -0.26
C GLY A 403 2.36 23.16 -0.77
N TYR A 404 2.21 23.04 -2.08
CA TYR A 404 1.21 22.12 -2.60
C TYR A 404 1.69 20.68 -2.43
N HIS A 405 0.78 19.76 -2.70
CA HIS A 405 1.12 18.35 -2.80
C HIS A 405 0.77 17.88 -4.20
N VAL A 406 1.56 16.96 -4.73
CA VAL A 406 1.22 16.32 -6.01
C VAL A 406 0.74 14.91 -5.71
N LEU A 407 -0.20 14.44 -6.53
CA LEU A 407 -0.81 13.14 -6.32
C LEU A 407 -0.75 12.41 -7.65
N VAL A 408 -0.23 11.18 -7.63
CA VAL A 408 -0.21 10.32 -8.81
C VAL A 408 -0.98 9.03 -8.49
N SER A 409 -1.76 8.55 -9.46
CA SER A 409 -2.63 7.39 -9.27
C SER A 409 -2.51 6.42 -10.44
N PRO A 410 -1.43 5.64 -10.49
CA PRO A 410 -1.33 4.58 -11.49
C PRO A 410 -2.52 3.62 -11.48
N GLY A 411 -3.07 3.31 -10.31
CA GLY A 411 -4.24 2.46 -10.25
C GLY A 411 -5.45 3.02 -10.98
N TYR A 412 -5.53 4.35 -11.10
CA TYR A 412 -6.60 4.92 -11.91
C TYR A 412 -6.36 4.61 -13.39
N THR A 413 -5.12 4.71 -13.86
CA THR A 413 -4.85 4.43 -15.26
C THR A 413 -5.04 2.95 -15.60
N HIS A 414 -4.78 2.07 -14.62
CA HIS A 414 -5.04 0.65 -14.77
C HIS A 414 -6.47 0.35 -15.17
N LEU A 415 -7.41 1.21 -14.79
CA LEU A 415 -8.82 0.98 -15.04
C LEU A 415 -9.35 1.79 -16.23
N ARG A 416 -8.47 2.31 -17.09
CA ARG A 416 -8.89 3.07 -18.28
C ARG A 416 -8.89 2.16 -19.51
N ASP A 417 -10.04 2.09 -20.20
CA ASP A 417 -10.15 1.32 -21.45
C ASP A 417 -9.12 1.75 -22.49
N GLU A 418 -8.75 3.03 -22.53
CA GLU A 418 -7.72 3.50 -23.46
C GLU A 418 -6.43 2.70 -23.35
N TYR A 419 -6.06 2.30 -22.13
CA TYR A 419 -4.81 1.58 -21.97
C TYR A 419 -4.99 0.08 -21.78
N PHE A 420 -6.15 -0.36 -21.29
CA PHE A 420 -6.42 -1.78 -21.08
C PHE A 420 -7.82 -2.03 -21.61
N PRO A 421 -7.96 -2.56 -22.81
CA PRO A 421 -9.29 -2.78 -23.38
C PRO A 421 -10.18 -3.55 -22.44
N ASN A 422 -11.41 -3.08 -22.29
CA ASN A 422 -12.39 -3.67 -21.38
C ASN A 422 -11.78 -3.77 -19.98
N ALA A 423 -11.40 -2.59 -19.47
CA ALA A 423 -10.58 -2.52 -18.27
C ALA A 423 -11.28 -3.06 -17.03
N HIS A 424 -12.61 -3.06 -17.01
CA HIS A 424 -13.33 -3.53 -15.83
C HIS A 424 -13.62 -5.02 -15.87
N GLN A 425 -13.09 -5.74 -16.84
CA GLN A 425 -13.23 -7.19 -16.93
C GLN A 425 -11.92 -7.84 -16.52
N PHE A 426 -12.02 -8.82 -15.64
CA PHE A 426 -10.87 -9.56 -15.15
C PHE A 426 -10.50 -10.61 -16.19
N ASN A 427 -9.31 -10.48 -16.79
CA ASN A 427 -8.92 -11.40 -17.84
C ASN A 427 -7.41 -11.63 -17.77
N ILE A 428 -7.00 -12.80 -17.28
CA ILE A 428 -5.57 -13.05 -17.10
C ILE A 428 -4.89 -13.18 -18.44
N HIS A 429 -5.63 -13.50 -19.49
CA HIS A 429 -5.03 -13.70 -20.79
C HIS A 429 -4.66 -12.40 -21.47
N ARG A 430 -5.09 -11.25 -20.95
CA ARG A 430 -4.57 -10.03 -21.53
C ARG A 430 -3.04 -9.97 -21.37
N TRP A 431 -2.46 -10.80 -20.49
CA TRP A 431 -1.01 -10.81 -20.23
C TRP A 431 -0.29 -11.97 -20.94
N ASN A 432 -0.96 -12.65 -21.87
CA ASN A 432 -0.34 -13.79 -22.54
C ASN A 432 0.98 -13.36 -23.20
N ASN A 433 2.03 -14.15 -22.99
CA ASN A 433 3.38 -13.85 -23.46
C ASN A 433 4.00 -12.65 -22.74
N ASP A 434 3.57 -12.38 -21.50
CA ASP A 434 3.97 -11.19 -20.77
C ASP A 434 3.57 -11.35 -19.30
N SER A 435 4.07 -12.41 -18.67
CA SER A 435 3.75 -12.76 -17.31
C SER A 435 4.74 -12.21 -16.30
N ALA A 436 5.70 -11.39 -16.73
CA ALA A 436 6.63 -10.80 -15.78
C ALA A 436 5.90 -9.81 -14.88
N SER A 437 6.27 -9.79 -13.60
CA SER A 437 5.65 -8.87 -12.65
C SER A 437 5.76 -7.42 -13.10
N SER A 438 6.85 -7.08 -13.79
CA SER A 438 7.15 -5.78 -14.38
C SER A 438 8.47 -5.98 -15.11
N TYR A 439 8.83 -5.03 -15.96
CA TYR A 439 10.16 -5.06 -16.55
C TYR A 439 10.44 -3.71 -17.20
N SER A 440 11.68 -3.23 -17.04
CA SER A 440 12.11 -1.99 -17.68
C SER A 440 12.11 -2.15 -19.19
N VAL A 441 11.43 -1.23 -19.89
CA VAL A 441 11.36 -1.29 -21.35
C VAL A 441 12.57 -0.66 -22.03
N GLY A 442 13.52 -0.09 -21.26
CA GLY A 442 14.72 0.45 -21.86
C GLY A 442 15.88 0.78 -20.92
N GLU A 443 16.24 2.05 -20.85
CA GLU A 443 17.39 2.48 -20.08
C GLU A 443 17.11 2.39 -18.58
N GLU A 444 18.17 2.30 -17.79
CA GLU A 444 18.05 2.08 -16.35
C GLU A 444 18.85 3.10 -15.57
N VAL A 445 18.53 3.22 -14.28
CA VAL A 445 19.17 4.20 -13.40
C VAL A 445 19.16 3.62 -12.00
N ASP A 446 20.14 4.04 -11.19
CA ASP A 446 20.35 3.55 -9.84
C ASP A 446 20.27 4.73 -8.88
N TYR A 447 19.33 4.68 -7.94
CA TYR A 447 19.17 5.73 -6.94
C TYR A 447 19.84 5.36 -5.63
N GLY A 448 20.36 4.15 -5.52
CA GLY A 448 20.95 3.69 -4.28
C GLY A 448 20.62 2.24 -3.97
N PHE A 449 19.60 1.66 -4.61
CA PHE A 449 19.20 0.30 -4.23
C PHE A 449 19.10 -0.63 -5.43
N GLY A 450 19.80 -0.32 -6.53
CA GLY A 450 19.77 -1.20 -7.69
C GLY A 450 19.27 -0.49 -8.92
N ALA A 451 19.68 -0.97 -10.09
CA ALA A 451 19.23 -0.37 -11.34
C ALA A 451 17.75 -0.68 -11.54
N ILE A 452 16.97 0.35 -11.82
CA ILE A 452 15.55 0.21 -12.13
C ILE A 452 15.27 1.02 -13.39
N SER A 453 14.10 0.78 -13.99
CA SER A 453 13.72 1.49 -15.20
C SER A 453 13.86 3.00 -15.04
N LYS A 454 14.42 3.64 -16.06
CA LYS A 454 14.57 5.09 -16.05
C LYS A 454 13.27 5.79 -16.42
N GLY A 455 12.55 5.29 -17.43
CA GLY A 455 11.24 5.83 -17.73
C GLY A 455 10.19 5.25 -16.81
N VAL A 456 9.18 6.07 -16.49
CA VAL A 456 8.08 5.62 -15.66
C VAL A 456 6.77 5.94 -16.34
N SER A 457 6.72 5.88 -17.66
CA SER A 457 5.48 6.24 -18.34
C SER A 457 4.66 5.02 -18.75
N SER A 458 5.07 3.82 -18.35
CA SER A 458 4.20 2.66 -18.55
C SER A 458 2.83 2.92 -17.94
N PRO A 459 1.74 2.57 -18.64
CA PRO A 459 0.42 2.72 -18.02
C PRO A 459 0.17 1.73 -16.88
N TYR A 460 0.93 0.63 -16.82
CA TYR A 460 0.85 -0.34 -15.74
C TYR A 460 2.02 -0.09 -14.81
N LEU A 461 1.74 0.37 -13.60
CA LEU A 461 2.78 0.63 -12.59
C LEU A 461 2.30 0.18 -11.22
N PRO A 462 2.10 -1.12 -11.02
CA PRO A 462 1.66 -1.58 -9.70
C PRO A 462 2.69 -1.30 -8.61
N PHE A 463 3.97 -1.16 -8.95
CA PHE A 463 5.01 -0.99 -7.94
C PHE A 463 5.64 0.39 -7.96
N GLY A 464 4.96 1.37 -8.58
CA GLY A 464 5.49 2.72 -8.67
C GLY A 464 6.71 2.77 -9.57
N GLY A 465 7.58 3.75 -9.31
CA GLY A 465 8.78 3.92 -10.12
C GLY A 465 9.58 5.10 -9.63
N GLY A 466 10.80 5.22 -10.15
CA GLY A 466 11.63 6.31 -9.64
C GLY A 466 12.20 5.94 -8.27
N ARG A 467 12.67 6.96 -7.55
CA ARG A 467 13.46 6.67 -6.34
C ARG A 467 12.64 5.95 -5.27
N HIS A 468 11.32 6.10 -5.27
CA HIS A 468 10.47 5.51 -4.23
C HIS A 468 9.86 4.17 -4.65
N ARG A 469 10.30 3.61 -5.76
CA ARG A 469 9.76 2.36 -6.28
C ARG A 469 9.83 1.26 -5.22
N CYS A 470 8.85 0.36 -5.29
CA CYS A 470 8.78 -0.79 -4.42
C CYS A 470 10.02 -1.66 -4.56
N ILE A 471 10.45 -2.25 -3.45
CA ILE A 471 11.47 -3.28 -3.51
C ILE A 471 10.93 -4.63 -3.10
N GLY A 472 9.62 -4.72 -2.84
CA GLY A 472 8.98 -5.94 -2.39
C GLY A 472 8.34 -6.76 -3.48
N GLU A 473 8.44 -6.31 -4.73
CA GLU A 473 7.70 -6.94 -5.83
C GLU A 473 8.03 -8.42 -5.96
N HIS A 474 9.31 -8.79 -5.91
CA HIS A 474 9.61 -10.21 -6.13
C HIS A 474 9.24 -11.03 -4.92
N PHE A 475 9.39 -10.47 -3.70
CA PHE A 475 8.91 -11.18 -2.53
C PHE A 475 7.39 -11.38 -2.60
N ALA A 476 6.66 -10.33 -3.00
CA ALA A 476 5.22 -10.45 -3.07
C ALA A 476 4.78 -11.53 -4.07
N TYR A 477 5.41 -11.57 -5.26
CA TYR A 477 5.04 -12.61 -6.24
C TYR A 477 5.39 -13.99 -5.72
N CYS A 478 6.51 -14.13 -5.03
CA CYS A 478 6.89 -15.45 -4.52
C CYS A 478 5.89 -15.91 -3.46
N GLN A 479 5.56 -15.02 -2.54
CA GLN A 479 4.59 -15.32 -1.48
C GLN A 479 3.21 -15.61 -2.07
N LEU A 480 2.70 -14.69 -2.90
CA LEU A 480 1.40 -14.89 -3.52
C LEU A 480 1.38 -16.11 -4.42
N GLY A 481 2.50 -16.39 -5.09
CA GLY A 481 2.52 -17.54 -5.99
C GLY A 481 2.47 -18.86 -5.25
N VAL A 482 3.20 -18.96 -4.14
CA VAL A 482 3.16 -20.19 -3.34
C VAL A 482 1.76 -20.38 -2.75
N LEU A 483 1.24 -19.34 -2.11
CA LEU A 483 -0.12 -19.39 -1.57
C LEU A 483 -1.12 -19.87 -2.61
N MET A 484 -1.17 -19.20 -3.76
CA MET A 484 -2.19 -19.51 -4.76
C MET A 484 -1.96 -20.87 -5.41
N SER A 485 -0.69 -21.25 -5.61
CA SER A 485 -0.42 -22.60 -6.09
C SER A 485 -1.04 -23.65 -5.17
N ILE A 486 -0.93 -23.45 -3.86
CA ILE A 486 -1.44 -24.43 -2.89
C ILE A 486 -2.95 -24.36 -2.78
N PHE A 487 -3.52 -23.16 -2.75
CA PHE A 487 -4.97 -23.06 -2.76
C PHE A 487 -5.56 -23.78 -3.98
N ILE A 488 -4.95 -23.60 -5.15
CA ILE A 488 -5.51 -24.15 -6.38
C ILE A 488 -5.42 -25.67 -6.38
N ARG A 489 -4.27 -26.22 -5.97
CA ARG A 489 -4.13 -27.67 -5.96
C ARG A 489 -5.00 -28.35 -4.89
N THR A 490 -5.35 -27.64 -3.82
CA THR A 490 -6.03 -28.21 -2.67
C THR A 490 -7.53 -27.98 -2.70
N LEU A 491 -7.99 -26.82 -3.14
CA LEU A 491 -9.38 -26.41 -3.00
C LEU A 491 -9.95 -25.93 -4.31
N LYS A 492 -11.27 -26.07 -4.45
CA LYS A 492 -12.11 -25.29 -5.34
C LYS A 492 -12.96 -24.38 -4.46
N TRP A 493 -13.42 -23.26 -4.99
CA TRP A 493 -14.21 -22.36 -4.16
C TRP A 493 -15.14 -21.53 -5.03
N HIS A 494 -16.21 -21.03 -4.40
CA HIS A 494 -17.26 -20.33 -5.13
C HIS A 494 -18.01 -19.40 -4.16
N TYR A 495 -18.89 -18.59 -4.71
CA TYR A 495 -19.58 -17.65 -3.83
C TYR A 495 -20.83 -18.28 -3.22
N PRO A 496 -21.26 -17.81 -2.04
CA PRO A 496 -22.63 -18.12 -1.62
C PRO A 496 -23.59 -17.56 -2.66
N GLU A 497 -24.76 -18.19 -2.76
CA GLU A 497 -25.68 -17.89 -3.85
C GLU A 497 -26.08 -16.41 -3.83
N GLY A 498 -26.07 -15.79 -5.00
CA GLY A 498 -26.37 -14.38 -5.12
C GLY A 498 -25.21 -13.43 -4.91
N LYS A 499 -24.12 -13.87 -4.26
CA LYS A 499 -23.03 -12.95 -3.95
C LYS A 499 -22.05 -12.84 -5.11
N THR A 500 -21.32 -11.73 -5.15
CA THR A 500 -20.35 -11.50 -6.23
C THR A 500 -19.14 -10.76 -5.67
N VAL A 501 -18.23 -10.35 -6.55
CA VAL A 501 -17.05 -9.59 -6.12
C VAL A 501 -17.50 -8.32 -5.41
N PRO A 502 -17.04 -8.04 -4.21
CA PRO A 502 -17.46 -6.83 -3.51
C PRO A 502 -16.74 -5.60 -4.03
N PRO A 503 -17.31 -4.41 -3.81
CA PRO A 503 -16.61 -3.18 -4.18
C PRO A 503 -15.45 -2.91 -3.23
N PRO A 504 -14.46 -2.15 -3.67
CA PRO A 504 -13.35 -1.81 -2.78
C PRO A 504 -13.74 -0.82 -1.69
N ASP A 505 -13.03 -0.89 -0.58
CA ASP A 505 -13.13 0.06 0.53
C ASP A 505 -11.94 1.00 0.38
N PHE A 506 -12.20 2.22 -0.07
CA PHE A 506 -11.11 3.16 -0.32
C PHE A 506 -10.71 4.00 0.89
N THR A 507 -11.46 3.95 1.99
CA THR A 507 -11.15 4.77 3.15
C THR A 507 -10.05 4.19 4.02
N SER A 508 -9.62 2.95 3.79
CA SER A 508 -8.56 2.37 4.59
C SER A 508 -7.21 2.61 3.91
N MET A 509 -6.15 2.13 4.57
CA MET A 509 -4.79 2.35 4.08
C MET A 509 -4.58 1.74 2.69
N VAL A 510 -5.13 0.54 2.45
CA VAL A 510 -5.10 -0.06 1.13
C VAL A 510 -6.52 -0.30 0.66
N THR A 511 -6.67 -0.52 -0.65
CA THR A 511 -8.00 -0.68 -1.27
C THR A 511 -8.49 -2.11 -1.11
N LEU A 512 -8.72 -2.49 0.14
CA LEU A 512 -9.17 -3.85 0.42
C LEU A 512 -10.66 -4.03 0.11
N PRO A 513 -11.12 -5.27 0.00
CA PRO A 513 -12.55 -5.50 -0.28
C PRO A 513 -13.44 -5.10 0.88
N THR A 514 -14.62 -4.61 0.52
CA THR A 514 -15.64 -4.30 1.53
C THR A 514 -16.14 -5.59 2.16
N GLY A 515 -16.12 -5.64 3.49
CA GLY A 515 -16.55 -6.82 4.21
C GLY A 515 -18.04 -6.83 4.49
N PRO A 516 -18.60 -8.02 4.79
CA PRO A 516 -17.86 -9.28 4.78
C PRO A 516 -17.84 -9.94 3.39
N ALA A 517 -16.71 -10.55 3.05
CA ALA A 517 -16.46 -11.13 1.72
C ALA A 517 -16.24 -12.62 1.91
N LYS A 518 -17.33 -13.39 1.85
CA LYS A 518 -17.27 -14.81 2.17
C LYS A 518 -17.20 -15.64 0.90
N ILE A 519 -16.39 -16.70 0.94
CA ILE A 519 -16.39 -17.69 -0.12
C ILE A 519 -16.57 -19.06 0.54
N ILE A 520 -17.10 -19.99 -0.23
CA ILE A 520 -17.30 -21.36 0.20
C ILE A 520 -16.24 -22.22 -0.46
N TRP A 521 -15.48 -22.95 0.33
CA TRP A 521 -14.44 -23.83 -0.20
C TRP A 521 -14.85 -25.28 -0.07
N GLU A 522 -14.19 -26.13 -0.86
CA GLU A 522 -14.43 -27.56 -0.86
C GLU A 522 -13.11 -28.22 -1.24
N LYS A 523 -12.76 -29.30 -0.56
CA LYS A 523 -11.51 -29.98 -0.88
C LYS A 523 -11.61 -30.68 -2.23
N ARG A 524 -10.54 -30.57 -3.02
CA ARG A 524 -10.53 -31.30 -4.29
C ARG A 524 -10.37 -32.80 -4.04
N ASN A 525 -9.64 -33.16 -2.98
CA ASN A 525 -9.39 -34.55 -2.61
C ASN A 525 -9.87 -34.67 -1.17
N PRO A 526 -11.15 -35.03 -0.95
CA PRO A 526 -11.70 -35.01 0.42
C PRO A 526 -10.95 -35.89 1.39
N GLU A 527 -10.24 -36.91 0.89
CA GLU A 527 -9.51 -37.84 1.72
C GLU A 527 -8.05 -37.42 1.93
N GLN A 528 -7.62 -36.33 1.30
CA GLN A 528 -6.29 -35.81 1.52
C GLN A 528 -6.12 -35.41 2.98
N LYS A 529 -5.04 -35.86 3.59
CA LYS A 529 -4.72 -35.49 4.96
C LYS A 529 -3.40 -34.73 4.98
N ILE A 530 -3.33 -33.72 5.82
CA ILE A 530 -2.11 -32.94 6.03
C ILE A 530 -1.45 -33.47 7.30
N GLY A 531 -0.21 -33.93 7.17
CA GLY A 531 0.49 -34.57 8.26
C GLY A 531 1.15 -33.59 9.20
N GLY A 532 2.00 -34.14 10.06
CA GLY A 532 2.68 -33.37 11.09
C GLY A 532 1.86 -33.28 12.36
N ARG A 533 2.48 -32.71 13.38
CA ARG A 533 1.82 -32.56 14.68
C ARG A 533 0.99 -31.29 14.70
#